data_1AYO
#
_entry.id   1AYO
#
_cell.length_a   107.570
_cell.length_b   107.570
_cell.length_c   72.229
_cell.angle_alpha   90.00
_cell.angle_beta   90.00
_cell.angle_gamma   120.00
#
_symmetry.space_group_name_H-M   'P 31 2 1'
#
loop_
_entity.id
_entity.type
_entity.pdbx_description
1 polymer ALPHA-2-MACROGLOBULIN
2 branched 2-acetamido-2-deoxy-beta-D-glucopyranose-(1-4)-2-acetamido-2-deoxy-beta-D-glucopyranose
3 non-polymer 'CALCIUM ION'
4 water water
#
_entity_poly.entity_id   1
_entity_poly.type   'polypeptide(L)'
_entity_poly.pdbx_seq_one_letter_code
;EFPFALEVQTLPQTCDGPKAHTSFQISLSVSYIGSRPASNMAIVDVKMVSGFIPLKPTVKMLERSNVSRTEVSNNHVLIY
LDKVTNETLTLTFTVLQDIPVRDLKPAIVKVYDYYETDEFAVAEYSAPCS
;
_entity_poly.pdbx_strand_id   A,B
#
loop_
_chem_comp.id
_chem_comp.type
_chem_comp.name
_chem_comp.formula
CA non-polymer 'CALCIUM ION' 'Ca 2'
NAG D-saccharide, beta linking 2-acetamido-2-deoxy-beta-D-glucopyranose 'C8 H15 N O6'
#
# COMPACT_ATOMS: atom_id res chain seq x y z
N GLU A 1 -12.82 8.41 -28.93
CA GLU A 1 -13.14 9.71 -28.38
C GLU A 1 -14.42 9.69 -27.55
N PHE A 2 -14.28 10.31 -26.39
CA PHE A 2 -15.15 10.19 -25.25
C PHE A 2 -15.36 11.52 -24.56
N PRO A 3 -16.47 11.72 -23.86
CA PRO A 3 -16.64 12.95 -23.09
C PRO A 3 -15.78 13.01 -21.82
N PHE A 4 -15.00 11.97 -21.55
CA PHE A 4 -13.97 12.08 -20.52
C PHE A 4 -12.64 11.89 -21.22
N ALA A 5 -11.63 12.63 -20.78
CA ALA A 5 -10.27 12.23 -21.16
C ALA A 5 -9.73 11.27 -20.10
N LEU A 6 -9.19 10.14 -20.52
CA LEU A 6 -8.70 9.13 -19.58
C LEU A 6 -7.35 8.62 -20.06
N GLU A 7 -6.29 8.80 -19.27
CA GLU A 7 -4.99 8.24 -19.60
C GLU A 7 -4.47 7.42 -18.40
N VAL A 8 -3.76 6.34 -18.68
CA VAL A 8 -3.16 5.44 -17.72
C VAL A 8 -1.70 5.14 -18.07
N GLN A 9 -0.82 5.27 -17.08
CA GLN A 9 0.55 4.78 -17.23
C GLN A 9 1.00 4.04 -15.97
N THR A 10 2.02 3.20 -16.08
CA THR A 10 2.60 2.46 -14.98
C THR A 10 4.01 2.91 -14.61
N LEU A 11 4.31 2.93 -13.32
CA LEU A 11 5.66 3.19 -12.84
C LEU A 11 6.27 1.91 -12.26
N PRO A 12 7.27 1.33 -12.90
CA PRO A 12 7.93 1.90 -14.08
C PRO A 12 7.17 1.67 -15.38
N GLN A 13 7.54 2.36 -16.44
CA GLN A 13 6.87 2.21 -17.73
C GLN A 13 7.29 0.94 -18.44
N THR A 14 8.49 0.43 -18.14
CA THR A 14 8.96 -0.80 -18.75
C THR A 14 9.62 -1.73 -17.73
N CYS A 15 9.92 -2.95 -18.17
CA CYS A 15 10.49 -3.97 -17.31
C CYS A 15 11.94 -3.72 -16.96
N ASP A 16 12.20 -2.69 -16.16
CA ASP A 16 13.55 -2.19 -15.91
C ASP A 16 14.32 -3.01 -14.88
N GLY A 17 13.86 -4.21 -14.53
CA GLY A 17 14.56 -5.03 -13.56
C GLY A 17 13.61 -5.90 -12.74
N PRO A 18 14.17 -6.83 -11.99
CA PRO A 18 13.49 -7.75 -11.10
C PRO A 18 12.31 -7.19 -10.33
N LYS A 19 12.39 -5.97 -9.79
CA LYS A 19 11.32 -5.42 -8.98
C LYS A 19 10.09 -5.06 -9.82
N ALA A 20 10.28 -4.88 -11.12
CA ALA A 20 9.19 -4.50 -12.01
C ALA A 20 8.26 -5.68 -12.26
N HIS A 21 8.80 -6.88 -12.04
CA HIS A 21 8.01 -8.08 -12.10
C HIS A 21 7.04 -8.22 -10.94
N THR A 22 7.30 -7.58 -9.79
CA THR A 22 6.49 -8.02 -8.64
C THR A 22 5.65 -6.89 -8.06
N SER A 23 5.94 -5.66 -8.46
CA SER A 23 5.03 -4.58 -8.08
C SER A 23 5.23 -3.41 -9.03
N PHE A 24 4.19 -2.58 -9.12
CA PHE A 24 4.33 -1.38 -9.94
C PHE A 24 3.22 -0.40 -9.54
N GLN A 25 3.36 0.84 -9.99
CA GLN A 25 2.31 1.79 -9.68
C GLN A 25 1.47 2.02 -10.92
N ILE A 26 0.18 2.26 -10.68
CA ILE A 26 -0.77 2.58 -11.73
C ILE A 26 -1.10 4.05 -11.57
N SER A 27 -0.92 4.82 -12.64
CA SER A 27 -1.15 6.26 -12.55
C SER A 27 -2.13 6.68 -13.63
N LEU A 28 -3.32 7.15 -13.23
CA LEU A 28 -4.31 7.48 -14.26
C LEU A 28 -4.68 8.95 -14.15
N SER A 29 -5.01 9.56 -15.28
CA SER A 29 -5.40 10.97 -15.28
C SER A 29 -6.74 11.13 -15.98
N VAL A 30 -7.60 11.94 -15.37
CA VAL A 30 -8.96 12.06 -15.87
C VAL A 30 -9.45 13.49 -15.77
N SER A 31 -10.15 13.91 -16.82
CA SER A 31 -10.93 15.14 -16.85
C SER A 31 -12.20 14.91 -17.67
N TYR A 32 -13.19 15.76 -17.42
CA TYR A 32 -14.42 15.79 -18.21
C TYR A 32 -14.28 16.81 -19.33
N ILE A 33 -14.48 16.38 -20.57
CA ILE A 33 -14.32 17.25 -21.73
C ILE A 33 -15.57 17.27 -22.60
N GLY A 34 -16.74 17.09 -22.01
CA GLY A 34 -17.96 16.95 -22.77
C GLY A 34 -18.84 18.19 -22.79
N SER A 35 -20.01 18.05 -23.41
CA SER A 35 -20.98 19.13 -23.60
C SER A 35 -21.27 19.82 -22.27
N ARG A 36 -21.77 19.02 -21.33
CA ARG A 36 -22.10 19.51 -19.99
C ARG A 36 -20.93 20.26 -19.38
N PRO A 37 -21.21 21.06 -18.36
CA PRO A 37 -20.14 21.84 -17.71
C PRO A 37 -19.21 20.94 -16.91
N ALA A 38 -19.81 20.02 -16.17
CA ALA A 38 -19.08 19.01 -15.42
C ALA A 38 -19.86 17.70 -15.46
N SER A 39 -19.23 16.59 -15.11
CA SER A 39 -19.96 15.35 -14.91
C SER A 39 -20.66 15.33 -13.56
N ASN A 40 -21.67 14.48 -13.44
CA ASN A 40 -22.23 14.09 -12.15
C ASN A 40 -21.17 13.34 -11.36
N MET A 41 -21.57 12.67 -10.28
CA MET A 41 -20.74 11.61 -9.72
C MET A 41 -20.29 10.70 -10.87
N ALA A 42 -19.00 10.40 -10.90
CA ALA A 42 -18.37 9.52 -11.86
C ALA A 42 -17.70 8.35 -11.15
N ILE A 43 -17.57 7.22 -11.83
CA ILE A 43 -16.85 6.11 -11.22
C ILE A 43 -15.65 5.75 -12.10
N VAL A 44 -14.49 5.62 -11.49
CA VAL A 44 -13.30 5.04 -12.11
C VAL A 44 -13.17 3.61 -11.64
N ASP A 45 -13.05 2.72 -12.60
CA ASP A 45 -13.00 1.28 -12.35
C ASP A 45 -11.73 0.75 -13.00
N VAL A 46 -10.86 0.26 -12.14
CA VAL A 46 -9.57 -0.28 -12.53
C VAL A 46 -9.53 -1.78 -12.31
N LYS A 47 -9.46 -2.53 -13.40
CA LYS A 47 -9.34 -3.98 -13.32
C LYS A 47 -7.86 -4.33 -13.12
N MET A 48 -7.60 -5.34 -12.30
CA MET A 48 -6.23 -5.77 -12.03
C MET A 48 -5.71 -6.64 -13.15
N VAL A 49 -4.43 -6.48 -13.47
CA VAL A 49 -3.74 -7.47 -14.30
C VAL A 49 -3.72 -8.82 -13.60
N SER A 50 -3.78 -9.92 -14.35
CA SER A 50 -3.85 -11.24 -13.73
C SER A 50 -2.69 -11.47 -12.76
N GLY A 51 -3.03 -11.94 -11.56
CA GLY A 51 -2.07 -12.27 -10.54
C GLY A 51 -1.75 -11.13 -9.60
N PHE A 52 -2.18 -9.91 -9.93
CA PHE A 52 -1.91 -8.73 -9.12
C PHE A 52 -3.09 -8.29 -8.25
N ILE A 53 -2.77 -7.68 -7.12
CA ILE A 53 -3.74 -7.09 -6.20
C ILE A 53 -3.27 -5.71 -5.76
N PRO A 54 -4.20 -4.84 -5.36
CA PRO A 54 -3.79 -3.49 -4.94
C PRO A 54 -3.19 -3.50 -3.54
N LEU A 55 -2.28 -2.58 -3.26
CA LEU A 55 -1.79 -2.35 -1.90
C LEU A 55 -2.80 -1.41 -1.26
N LYS A 56 -3.73 -1.98 -0.47
CA LYS A 56 -4.92 -1.23 -0.07
C LYS A 56 -4.64 0.13 0.55
N PRO A 57 -3.68 0.28 1.45
CA PRO A 57 -3.44 1.63 1.99
C PRO A 57 -3.15 2.65 0.92
N THR A 58 -2.56 2.28 -0.22
CA THR A 58 -2.31 3.34 -1.22
C THR A 58 -3.61 3.68 -1.95
N VAL A 59 -4.59 2.80 -1.90
CA VAL A 59 -5.90 3.13 -2.48
C VAL A 59 -6.64 4.08 -1.54
N LYS A 60 -6.62 3.74 -0.25
CA LYS A 60 -7.33 4.54 0.74
C LYS A 60 -6.77 5.97 0.81
N MET A 61 -5.48 6.07 0.57
CA MET A 61 -4.83 7.38 0.46
C MET A 61 -5.45 8.27 -0.60
N LEU A 62 -6.14 7.70 -1.59
CA LEU A 62 -6.69 8.57 -2.64
C LEU A 62 -7.86 9.37 -2.07
N GLU A 63 -8.40 8.90 -0.95
CA GLU A 63 -9.64 9.44 -0.43
C GLU A 63 -9.43 10.79 0.28
N ARG A 64 -9.20 11.81 -0.52
CA ARG A 64 -9.15 13.19 -0.04
C ARG A 64 -8.87 14.10 -1.23
N SER A 65 -9.95 14.68 -1.73
CA SER A 65 -9.98 15.48 -2.94
C SER A 65 -11.41 15.59 -3.48
N ASN A 66 -11.53 15.39 -4.78
CA ASN A 66 -12.81 15.19 -5.45
C ASN A 66 -13.25 13.74 -5.22
N VAL A 67 -12.33 12.99 -4.63
CA VAL A 67 -12.47 11.59 -4.28
C VAL A 67 -13.24 11.38 -2.97
N SER A 68 -14.52 11.09 -3.12
CA SER A 68 -15.42 10.88 -2.00
C SER A 68 -15.28 9.48 -1.42
N ARG A 69 -14.76 8.52 -2.18
CA ARG A 69 -14.53 7.19 -1.60
C ARG A 69 -13.87 6.25 -2.61
N THR A 70 -13.30 5.20 -2.05
CA THR A 70 -12.64 4.15 -2.80
C THR A 70 -13.13 2.81 -2.28
N GLU A 71 -13.09 1.81 -3.15
CA GLU A 71 -13.41 0.45 -2.74
C GLU A 71 -12.47 -0.51 -3.44
N VAL A 72 -12.12 -1.58 -2.72
CA VAL A 72 -11.39 -2.68 -3.32
C VAL A 72 -12.32 -3.88 -3.34
N SER A 73 -12.65 -4.36 -4.55
CA SER A 73 -13.76 -5.33 -4.53
C SER A 73 -13.74 -6.21 -5.75
N ASN A 74 -13.79 -7.53 -5.52
CA ASN A 74 -13.77 -8.51 -6.60
C ASN A 74 -12.69 -8.20 -7.63
N ASN A 75 -11.54 -7.78 -7.14
CA ASN A 75 -10.29 -7.53 -7.83
C ASN A 75 -10.41 -6.41 -8.87
N HIS A 76 -11.32 -5.48 -8.55
CA HIS A 76 -11.30 -4.17 -9.16
C HIS A 76 -10.98 -3.16 -8.06
N VAL A 77 -10.37 -2.06 -8.45
CA VAL A 77 -10.31 -0.88 -7.61
C VAL A 77 -11.34 0.12 -8.11
N LEU A 78 -12.20 0.59 -7.21
CA LEU A 78 -13.23 1.53 -7.62
C LEU A 78 -13.03 2.87 -6.92
N ILE A 79 -13.04 3.93 -7.70
CA ILE A 79 -12.88 5.28 -7.17
C ILE A 79 -14.08 6.16 -7.52
N TYR A 80 -14.77 6.65 -6.52
CA TYR A 80 -15.92 7.53 -6.66
C TYR A 80 -15.52 9.00 -6.58
N LEU A 81 -15.77 9.74 -7.65
CA LEU A 81 -15.49 11.17 -7.71
C LEU A 81 -16.79 11.97 -7.65
N ASP A 82 -16.83 13.01 -6.82
CA ASP A 82 -18.09 13.73 -6.61
C ASP A 82 -18.53 14.47 -7.87
N LYS A 83 -17.56 15.06 -8.56
CA LYS A 83 -17.79 15.63 -9.88
C LYS A 83 -16.47 15.63 -10.65
N VAL A 84 -16.56 15.75 -11.97
CA VAL A 84 -15.33 15.86 -12.75
C VAL A 84 -15.47 17.01 -13.75
N THR A 85 -14.45 17.85 -13.80
CA THR A 85 -14.47 19.02 -14.66
C THR A 85 -13.33 18.98 -15.65
N ASN A 86 -13.12 20.14 -16.31
CA ASN A 86 -12.05 20.20 -17.29
C ASN A 86 -10.69 20.13 -16.62
N GLU A 87 -10.63 20.29 -15.30
CA GLU A 87 -9.27 20.17 -14.75
C GLU A 87 -8.97 18.70 -14.44
N THR A 88 -7.74 18.32 -14.75
CA THR A 88 -7.24 16.97 -14.73
C THR A 88 -6.97 16.45 -13.33
N LEU A 89 -7.58 15.33 -12.97
CA LEU A 89 -7.21 14.70 -11.70
C LEU A 89 -6.29 13.52 -11.95
N THR A 90 -5.19 13.48 -11.20
CA THR A 90 -4.27 12.35 -11.31
C THR A 90 -4.35 11.51 -10.04
N LEU A 91 -4.44 10.20 -10.23
CA LEU A 91 -4.62 9.29 -9.11
C LEU A 91 -3.61 8.17 -9.25
N THR A 92 -2.81 7.90 -8.22
CA THR A 92 -1.74 6.90 -8.40
C THR A 92 -1.76 5.92 -7.25
N PHE A 93 -1.66 4.62 -7.51
CA PHE A 93 -1.66 3.72 -6.36
C PHE A 93 -0.79 2.52 -6.71
N THR A 94 -0.57 1.65 -5.73
CA THR A 94 0.33 0.52 -5.95
C THR A 94 -0.40 -0.82 -6.07
N VAL A 95 0.10 -1.69 -6.96
CA VAL A 95 -0.35 -3.07 -7.03
C VAL A 95 0.82 -4.03 -6.87
N LEU A 96 0.48 -5.25 -6.44
CA LEU A 96 1.46 -6.21 -5.98
C LEU A 96 1.20 -7.55 -6.64
N GLN A 97 2.25 -8.23 -7.13
CA GLN A 97 2.01 -9.57 -7.64
C GLN A 97 1.82 -10.56 -6.51
N ASP A 98 0.61 -11.10 -6.39
CA ASP A 98 0.30 -12.12 -5.41
C ASP A 98 0.79 -13.47 -5.91
N ILE A 99 0.31 -13.86 -7.07
CA ILE A 99 0.67 -15.10 -7.75
C ILE A 99 1.21 -14.77 -9.14
N PRO A 100 2.33 -15.34 -9.56
CA PRO A 100 2.79 -15.06 -10.93
C PRO A 100 1.90 -15.78 -11.94
N VAL A 101 1.38 -15.04 -12.90
CA VAL A 101 0.59 -15.68 -13.95
C VAL A 101 1.27 -15.54 -15.31
N ARG A 102 1.24 -16.63 -16.06
CA ARG A 102 1.87 -16.76 -17.37
C ARG A 102 1.12 -15.96 -18.42
N ASP A 103 1.88 -15.27 -19.27
CA ASP A 103 1.32 -14.50 -20.38
C ASP A 103 0.35 -13.46 -19.85
N LEU A 104 0.90 -12.29 -19.53
CA LEU A 104 0.06 -11.20 -19.03
C LEU A 104 -0.53 -10.40 -20.18
N LYS A 105 -1.85 -10.25 -20.18
CA LYS A 105 -2.53 -9.45 -21.21
C LYS A 105 -2.96 -8.12 -20.60
N PRO A 106 -3.29 -7.11 -21.41
CA PRO A 106 -3.65 -5.79 -20.90
C PRO A 106 -4.92 -5.82 -20.04
N ALA A 107 -5.03 -4.87 -19.13
CA ALA A 107 -6.24 -4.78 -18.32
C ALA A 107 -6.96 -3.47 -18.62
N ILE A 108 -8.27 -3.43 -18.42
CA ILE A 108 -9.11 -2.29 -18.74
C ILE A 108 -9.26 -1.31 -17.58
N VAL A 109 -9.17 -0.03 -17.86
CA VAL A 109 -9.63 1.00 -16.93
C VAL A 109 -10.82 1.76 -17.54
N LYS A 110 -11.87 2.01 -16.76
CA LYS A 110 -13.04 2.73 -17.22
C LYS A 110 -13.31 3.95 -16.36
N VAL A 111 -13.89 4.98 -16.96
CA VAL A 111 -14.54 6.01 -16.14
C VAL A 111 -15.94 6.25 -16.71
N TYR A 112 -16.95 6.38 -15.86
CA TYR A 112 -18.29 6.61 -16.43
C TYR A 112 -19.13 7.47 -15.49
N ASP A 113 -20.08 8.19 -16.07
CA ASP A 113 -21.05 8.97 -15.32
C ASP A 113 -22.02 8.08 -14.56
N TYR A 114 -22.37 8.50 -13.34
CA TYR A 114 -23.31 7.70 -12.57
C TYR A 114 -24.70 7.68 -13.21
N TYR A 115 -25.05 8.68 -14.02
CA TYR A 115 -26.40 8.73 -14.58
C TYR A 115 -26.44 8.59 -16.10
N GLU A 116 -25.55 9.28 -16.80
CA GLU A 116 -25.63 9.36 -18.25
C GLU A 116 -24.96 8.17 -18.92
N THR A 117 -25.72 7.19 -19.43
CA THR A 117 -25.03 5.96 -19.84
C THR A 117 -24.16 6.17 -21.08
N ASP A 118 -24.31 7.31 -21.76
CA ASP A 118 -23.51 7.55 -22.95
C ASP A 118 -22.13 8.15 -22.63
N GLU A 119 -21.96 8.50 -21.36
CA GLU A 119 -20.76 9.22 -20.94
C GLU A 119 -19.79 8.33 -20.17
N PHE A 120 -18.80 7.83 -20.89
CA PHE A 120 -17.80 6.91 -20.39
C PHE A 120 -16.52 7.04 -21.23
N ALA A 121 -15.40 6.55 -20.71
CA ALA A 121 -14.20 6.34 -21.50
C ALA A 121 -13.53 5.03 -21.10
N VAL A 122 -12.72 4.47 -21.98
CA VAL A 122 -11.99 3.25 -21.62
C VAL A 122 -10.53 3.42 -22.04
N ALA A 123 -9.63 2.81 -21.28
CA ALA A 123 -8.20 2.82 -21.61
C ALA A 123 -7.59 1.52 -21.13
N GLU A 124 -6.49 1.10 -21.70
CA GLU A 124 -5.83 -0.16 -21.37
C GLU A 124 -4.51 0.10 -20.64
N TYR A 125 -4.02 -0.86 -19.86
CA TYR A 125 -2.65 -0.77 -19.36
C TYR A 125 -2.11 -2.17 -19.21
N SER A 126 -0.80 -2.32 -19.13
CA SER A 126 -0.19 -3.64 -18.99
C SER A 126 0.81 -3.67 -17.84
N ALA A 127 1.03 -4.83 -17.25
CA ALA A 127 2.16 -4.93 -16.32
C ALA A 127 3.46 -4.67 -17.11
N PRO A 128 4.39 -3.92 -16.54
CA PRO A 128 5.63 -3.54 -17.22
C PRO A 128 6.40 -4.72 -17.81
N CYS A 129 6.24 -5.90 -17.23
CA CYS A 129 6.96 -7.07 -17.71
C CYS A 129 6.06 -8.08 -18.40
N SER A 130 4.86 -7.68 -18.82
CA SER A 130 3.85 -8.64 -19.27
C SER A 130 4.38 -9.53 -20.40
N GLU B 1 19.42 11.44 20.01
CA GLU B 1 19.01 11.78 18.66
C GLU B 1 18.79 10.54 17.80
N PHE B 2 17.67 10.53 17.07
CA PHE B 2 17.38 9.44 16.15
C PHE B 2 17.29 9.95 14.72
N PRO B 3 18.10 9.36 13.85
CA PRO B 3 18.10 9.71 12.44
C PRO B 3 17.03 9.00 11.63
N PHE B 4 16.17 8.21 12.28
CA PHE B 4 14.98 7.68 11.61
C PHE B 4 13.75 8.21 12.35
N ALA B 5 12.70 8.55 11.62
CA ALA B 5 11.38 8.73 12.20
C ALA B 5 10.68 7.38 12.16
N LEU B 6 10.23 6.86 13.30
CA LEU B 6 9.60 5.54 13.27
C LEU B 6 8.28 5.59 14.01
N GLU B 7 7.17 5.21 13.40
CA GLU B 7 5.98 5.11 14.27
C GLU B 7 5.24 3.81 13.97
N VAL B 8 4.50 3.35 14.98
CA VAL B 8 3.81 2.08 14.85
C VAL B 8 2.36 2.22 15.30
N GLN B 9 1.43 1.70 14.52
CA GLN B 9 0.02 1.66 14.95
C GLN B 9 -0.55 0.27 14.81
N THR B 10 -1.65 -0.02 15.50
CA THR B 10 -2.34 -1.28 15.23
C THR B 10 -3.69 -0.99 14.54
N LEU B 11 -4.18 -1.99 13.84
CA LEU B 11 -5.48 -1.99 13.20
C LEU B 11 -6.28 -3.22 13.65
N PRO B 12 -7.31 -3.06 14.47
CA PRO B 12 -7.78 -1.76 14.94
C PRO B 12 -6.91 -1.16 16.04
N GLN B 13 -7.09 0.15 16.23
CA GLN B 13 -6.35 0.89 17.25
C GLN B 13 -6.87 0.58 18.65
N THR B 14 -8.16 0.26 18.73
CA THR B 14 -8.78 0.00 20.04
C THR B 14 -9.40 -1.39 20.09
N CYS B 15 -9.66 -1.85 21.31
CA CYS B 15 -10.33 -3.12 21.55
C CYS B 15 -11.81 -2.97 21.20
N ASP B 16 -12.11 -3.16 19.92
CA ASP B 16 -13.42 -2.75 19.43
C ASP B 16 -14.32 -3.96 19.25
N GLY B 17 -13.92 -5.10 19.80
CA GLY B 17 -14.74 -6.29 19.60
C GLY B 17 -13.92 -7.55 19.84
N PRO B 18 -14.63 -8.68 19.84
CA PRO B 18 -14.01 -9.98 20.09
C PRO B 18 -12.83 -10.22 19.16
N LYS B 19 -12.99 -9.80 17.90
CA LYS B 19 -11.95 -10.13 16.91
C LYS B 19 -10.63 -9.42 17.24
N ALA B 20 -10.72 -8.27 17.87
CA ALA B 20 -9.52 -7.51 18.23
C ALA B 20 -8.63 -8.25 19.22
N HIS B 21 -9.16 -9.24 19.94
CA HIS B 21 -8.41 -10.03 20.90
C HIS B 21 -7.47 -11.05 20.27
N THR B 22 -7.86 -11.52 19.08
CA THR B 22 -7.17 -12.70 18.53
C THR B 22 -6.44 -12.39 17.24
N SER B 23 -6.71 -11.23 16.65
CA SER B 23 -5.95 -10.84 15.47
C SER B 23 -5.90 -9.32 15.31
N PHE B 24 -4.75 -8.79 14.87
CA PHE B 24 -4.74 -7.39 14.47
C PHE B 24 -3.62 -7.19 13.45
N GLN B 25 -3.69 -6.07 12.73
CA GLN B 25 -2.59 -5.73 11.83
C GLN B 25 -1.62 -4.76 12.50
N ILE B 26 -0.34 -4.89 12.18
CA ILE B 26 0.63 -3.91 12.67
C ILE B 26 0.99 -3.01 11.51
N SER B 27 0.92 -1.70 11.69
CA SER B 27 1.21 -0.78 10.59
C SER B 27 2.36 0.14 10.96
N LEU B 28 3.51 0.01 10.32
CA LEU B 28 4.75 0.72 10.63
C LEU B 28 5.00 1.83 9.60
N SER B 29 5.45 2.99 10.01
CA SER B 29 5.85 4.05 9.08
C SER B 29 7.28 4.50 9.39
N VAL B 30 8.11 4.58 8.36
CA VAL B 30 9.52 4.92 8.62
C VAL B 30 10.02 5.86 7.54
N SER B 31 10.80 6.85 7.99
CA SER B 31 11.60 7.65 7.07
C SER B 31 12.95 7.99 7.70
N TYR B 32 13.84 8.50 6.87
CA TYR B 32 15.19 8.85 7.31
C TYR B 32 15.30 10.37 7.41
N ILE B 33 15.79 10.85 8.53
CA ILE B 33 15.81 12.25 8.88
C ILE B 33 17.18 12.67 9.42
N GLY B 34 18.18 11.83 9.23
CA GLY B 34 19.49 12.05 9.83
C GLY B 34 20.45 12.84 8.98
N SER B 35 21.75 12.73 9.24
CA SER B 35 22.73 13.61 8.63
C SER B 35 23.07 13.24 7.20
N ARG B 36 22.83 12.01 6.77
CA ARG B 36 23.17 11.56 5.42
C ARG B 36 22.05 11.85 4.43
N PRO B 37 22.28 11.74 3.13
CA PRO B 37 21.19 11.92 2.17
C PRO B 37 20.09 10.88 2.30
N ALA B 38 20.45 9.71 2.84
CA ALA B 38 19.54 8.56 2.89
C ALA B 38 20.21 7.46 3.70
N SER B 39 19.46 6.44 4.13
CA SER B 39 20.17 5.36 4.83
C SER B 39 20.83 4.42 3.82
N ASN B 40 21.64 3.51 4.33
CA ASN B 40 22.02 2.33 3.56
C ASN B 40 20.90 1.29 3.66
N MET B 41 21.16 0.03 3.32
CA MET B 41 20.22 -1.03 3.71
C MET B 41 19.90 -0.90 5.19
N ALA B 42 18.64 -1.05 5.59
CA ALA B 42 18.25 -0.87 6.99
C ALA B 42 17.37 -2.03 7.43
N ILE B 43 17.40 -2.36 8.71
CA ILE B 43 16.49 -3.41 9.19
C ILE B 43 15.46 -2.82 10.15
N VAL B 44 14.19 -3.14 9.93
CA VAL B 44 13.13 -2.95 10.91
C VAL B 44 12.90 -4.28 11.61
N ASP B 45 13.03 -4.24 12.93
CA ASP B 45 12.88 -5.42 13.77
C ASP B 45 11.63 -5.24 14.63
N VAL B 46 10.60 -6.04 14.37
CA VAL B 46 9.37 -5.90 15.14
C VAL B 46 9.32 -7.04 16.16
N LYS B 47 9.34 -6.76 17.46
CA LYS B 47 9.10 -7.86 18.40
C LYS B 47 7.62 -8.13 18.55
N MET B 48 7.21 -9.40 18.67
CA MET B 48 5.80 -9.74 18.85
C MET B 48 5.34 -9.45 20.28
N VAL B 49 4.13 -8.95 20.46
CA VAL B 49 3.49 -9.03 21.78
C VAL B 49 3.39 -10.47 22.25
N SER B 50 3.52 -10.69 23.55
CA SER B 50 3.55 -12.05 24.11
C SER B 50 2.34 -12.87 23.64
N GLY B 51 2.61 -14.04 23.10
CA GLY B 51 1.56 -14.94 22.67
C GLY B 51 1.10 -14.70 21.25
N PHE B 52 1.69 -13.69 20.59
CA PHE B 52 1.25 -13.41 19.21
C PHE B 52 2.27 -13.94 18.22
N ILE B 53 1.81 -14.36 17.04
CA ILE B 53 2.70 -14.76 15.96
C ILE B 53 2.32 -14.06 14.67
N PRO B 54 3.28 -13.81 13.79
CA PRO B 54 2.97 -13.16 12.51
C PRO B 54 2.39 -14.15 11.50
N LEU B 55 1.47 -13.67 10.67
CA LEU B 55 0.92 -14.51 9.60
C LEU B 55 1.87 -14.49 8.40
N LYS B 56 2.51 -15.61 8.12
CA LYS B 56 3.64 -15.66 7.18
C LYS B 56 3.40 -14.97 5.85
N PRO B 57 2.34 -15.29 5.11
CA PRO B 57 2.15 -14.68 3.79
C PRO B 57 2.05 -13.17 3.85
N THR B 58 1.54 -12.59 4.95
CA THR B 58 1.49 -11.13 4.95
C THR B 58 2.88 -10.55 5.20
N VAL B 59 3.75 -11.33 5.84
CA VAL B 59 5.15 -10.87 5.95
C VAL B 59 5.84 -10.98 4.59
N LYS B 60 5.65 -12.14 3.96
CA LYS B 60 6.33 -12.37 2.67
C LYS B 60 5.88 -11.33 1.66
N MET B 61 4.61 -10.92 1.77
CA MET B 61 4.07 -9.94 0.82
C MET B 61 4.80 -8.61 0.88
N LEU B 62 5.44 -8.30 2.01
CA LEU B 62 6.20 -7.04 2.07
C LEU B 62 7.38 -7.02 1.10
N GLU B 63 7.81 -8.20 0.66
CA GLU B 63 8.97 -8.30 -0.24
C GLU B 63 8.60 -7.78 -1.62
N ARG B 64 7.30 -7.64 -1.86
CA ARG B 64 6.87 -7.10 -3.14
C ARG B 64 7.21 -5.62 -3.24
N SER B 65 7.56 -5.02 -2.12
CA SER B 65 7.83 -3.60 -1.94
C SER B 65 9.28 -3.24 -2.27
N ASN B 66 9.77 -2.21 -1.63
CA ASN B 66 11.10 -1.66 -1.51
C ASN B 66 11.82 -2.34 -0.32
N VAL B 67 11.50 -3.60 -0.20
CA VAL B 67 11.95 -4.57 0.78
C VAL B 67 12.51 -5.78 0.04
N SER B 68 13.71 -6.23 0.38
CA SER B 68 14.32 -7.28 -0.45
C SER B 68 14.48 -8.57 0.32
N ARG B 69 14.21 -8.51 1.62
CA ARG B 69 14.24 -9.74 2.41
C ARG B 69 13.38 -9.56 3.66
N THR B 70 12.83 -10.66 4.17
CA THR B 70 12.15 -10.71 5.45
C THR B 70 12.53 -12.02 6.14
N GLU B 71 12.39 -12.00 7.45
CA GLU B 71 12.74 -13.14 8.29
C GLU B 71 11.83 -13.18 9.51
N VAL B 72 11.43 -14.37 9.90
CA VAL B 72 10.73 -14.58 11.16
C VAL B 72 11.62 -15.48 12.02
N SER B 73 12.13 -14.95 13.13
CA SER B 73 12.89 -15.79 14.05
C SER B 73 12.75 -15.33 15.49
N ASN B 74 12.49 -16.27 16.38
CA ASN B 74 12.42 -16.07 17.82
C ASN B 74 11.45 -14.97 18.24
N ASN B 75 10.26 -14.98 17.66
CA ASN B 75 9.25 -13.99 18.03
C ASN B 75 9.63 -12.58 17.58
N HIS B 76 10.48 -12.46 16.58
CA HIS B 76 10.77 -11.22 15.90
C HIS B 76 10.47 -11.33 14.41
N VAL B 77 9.95 -10.25 13.83
CA VAL B 77 9.85 -10.15 12.37
C VAL B 77 10.93 -9.19 11.88
N LEU B 78 11.83 -9.63 11.03
CA LEU B 78 12.85 -8.75 10.48
C LEU B 78 12.52 -8.34 9.04
N ILE B 79 12.59 -7.05 8.76
CA ILE B 79 12.26 -6.55 7.43
C ILE B 79 13.44 -5.75 6.88
N TYR B 80 14.01 -6.18 5.77
CA TYR B 80 15.19 -5.54 5.20
C TYR B 80 14.78 -4.50 4.18
N LEU B 81 14.94 -3.24 4.55
CA LEU B 81 14.60 -2.11 3.69
C LEU B 81 15.78 -1.78 2.79
N ASP B 82 15.52 -1.67 1.50
CA ASP B 82 16.55 -1.40 0.51
C ASP B 82 17.34 -0.15 0.78
N LYS B 83 16.62 0.91 1.09
CA LYS B 83 17.20 2.25 1.24
C LYS B 83 16.13 3.12 1.88
N VAL B 84 16.42 3.92 2.88
CA VAL B 84 15.31 4.74 3.42
C VAL B 84 15.61 6.20 3.11
N THR B 85 14.67 6.95 2.55
CA THR B 85 14.91 8.37 2.27
C THR B 85 13.97 9.23 3.11
N ASN B 86 13.86 10.52 2.78
CA ASN B 86 12.96 11.39 3.53
C ASN B 86 11.51 11.05 3.28
N GLU B 87 11.26 10.21 2.28
CA GLU B 87 9.87 9.81 2.05
C GLU B 87 9.46 8.68 3.00
N THR B 88 8.23 8.78 3.50
CA THR B 88 7.74 7.76 4.42
C THR B 88 7.42 6.45 3.73
N LEU B 89 7.96 5.35 4.26
CA LEU B 89 7.58 4.03 3.79
C LEU B 89 6.66 3.39 4.83
N THR B 90 5.52 2.87 4.41
CA THR B 90 4.58 2.22 5.34
C THR B 90 4.54 0.73 5.07
N LEU B 91 4.60 -0.09 6.11
CA LEU B 91 4.56 -1.54 6.00
C LEU B 91 3.49 -2.09 6.94
N THR B 92 2.65 -2.97 6.42
CA THR B 92 1.55 -3.52 7.20
C THR B 92 1.51 -5.04 7.08
N PHE B 93 1.40 -5.72 8.22
CA PHE B 93 1.24 -7.18 8.18
C PHE B 93 0.35 -7.61 9.34
N THR B 94 -0.04 -8.88 9.33
CA THR B 94 -1.02 -9.40 10.29
C THR B 94 -0.37 -10.25 11.38
N VAL B 95 -0.91 -10.18 12.60
CA VAL B 95 -0.53 -11.12 13.65
C VAL B 95 -1.77 -11.78 14.24
N LEU B 96 -1.55 -12.94 14.86
CA LEU B 96 -2.58 -13.84 15.37
C LEU B 96 -2.29 -14.24 16.79
N GLN B 97 -3.31 -14.33 17.65
CA GLN B 97 -3.05 -14.80 19.01
C GLN B 97 -2.83 -16.31 19.03
N ASP B 98 -1.61 -16.75 19.28
CA ASP B 98 -1.30 -18.18 19.42
C ASP B 98 -1.60 -18.66 20.83
N ILE B 99 -1.11 -17.92 21.81
CA ILE B 99 -1.30 -18.16 23.23
C ILE B 99 -1.86 -16.92 23.92
N PRO B 100 -3.00 -17.00 24.57
CA PRO B 100 -3.48 -15.81 25.29
C PRO B 100 -2.61 -15.68 26.55
N VAL B 101 -2.20 -14.45 26.84
CA VAL B 101 -1.31 -14.20 27.98
C VAL B 101 -1.95 -13.07 28.77
N ARG B 102 -1.90 -13.12 30.10
CA ARG B 102 -2.50 -12.00 30.83
C ARG B 102 -1.52 -10.85 30.91
N ASP B 103 -2.02 -9.64 31.14
CA ASP B 103 -1.07 -8.56 31.45
C ASP B 103 -0.16 -8.28 30.26
N LEU B 104 -0.76 -8.21 29.08
CA LEU B 104 -0.01 -7.90 27.86
C LEU B 104 0.77 -6.58 27.98
N LYS B 105 2.09 -6.65 27.83
CA LYS B 105 2.91 -5.44 27.84
C LYS B 105 3.28 -4.97 26.44
N PRO B 106 3.68 -3.71 26.29
CA PRO B 106 4.10 -3.18 24.98
C PRO B 106 5.29 -3.96 24.42
N ALA B 107 5.39 -3.93 23.08
CA ALA B 107 6.52 -4.56 22.39
C ALA B 107 7.29 -3.50 21.62
N ILE B 108 8.60 -3.71 21.58
CA ILE B 108 9.47 -2.72 20.96
C ILE B 108 9.72 -3.04 19.49
N VAL B 109 9.84 -1.95 18.76
CA VAL B 109 10.22 -1.99 17.35
C VAL B 109 11.49 -1.16 17.21
N LYS B 110 12.47 -1.70 16.51
CA LYS B 110 13.72 -0.99 16.27
C LYS B 110 13.92 -0.85 14.76
N VAL B 111 14.59 0.20 14.32
CA VAL B 111 15.07 0.31 12.95
C VAL B 111 16.53 0.75 13.02
N TYR B 112 17.41 0.16 12.20
CA TYR B 112 18.83 0.51 12.27
C TYR B 112 19.48 0.31 10.91
N ASP B 113 20.47 1.16 10.64
CA ASP B 113 21.21 1.03 9.38
C ASP B 113 22.03 -0.24 9.44
N TYR B 114 22.11 -1.03 8.38
CA TYR B 114 22.84 -2.29 8.47
C TYR B 114 24.35 -2.08 8.55
N TYR B 115 24.81 -0.93 8.08
CA TYR B 115 26.24 -0.77 7.91
C TYR B 115 26.84 0.32 8.80
N GLU B 116 26.09 1.35 9.20
CA GLU B 116 26.71 2.37 10.06
C GLU B 116 26.13 2.28 11.48
N THR B 117 27.03 2.20 12.46
CA THR B 117 26.54 2.09 13.84
C THR B 117 25.95 3.41 14.32
N ASP B 118 25.18 3.38 15.39
CA ASP B 118 24.54 4.56 15.94
C ASP B 118 23.79 5.33 14.86
N GLU B 119 23.07 4.55 14.07
CA GLU B 119 22.01 5.07 13.20
C GLU B 119 20.74 4.25 13.43
N PHE B 120 20.03 4.53 14.51
CA PHE B 120 18.90 3.70 14.88
C PHE B 120 17.78 4.52 15.50
N ALA B 121 16.59 3.93 15.57
CA ALA B 121 15.48 4.51 16.34
C ALA B 121 14.67 3.38 16.97
N VAL B 122 13.93 3.69 18.02
CA VAL B 122 13.05 2.71 18.66
C VAL B 122 11.65 3.28 18.89
N ALA B 123 10.66 2.40 18.93
CA ALA B 123 9.30 2.79 19.22
C ALA B 123 8.61 1.57 19.83
N GLU B 124 7.37 1.74 20.29
CA GLU B 124 6.71 0.56 20.86
C GLU B 124 5.25 0.52 20.45
N TYR B 125 4.62 -0.64 20.58
CA TYR B 125 3.19 -0.71 20.28
C TYR B 125 2.59 -1.73 21.26
N SER B 126 1.27 -1.71 21.38
CA SER B 126 0.56 -2.64 22.24
C SER B 126 -0.55 -3.36 21.50
N ALA B 127 -0.85 -4.61 21.87
CA ALA B 127 -2.07 -5.21 21.32
C ALA B 127 -3.26 -4.32 21.67
N PRO B 128 -4.21 -4.19 20.76
CA PRO B 128 -5.35 -3.28 20.99
C PRO B 128 -6.13 -3.61 22.26
N CYS B 129 -6.12 -4.85 22.73
CA CYS B 129 -6.88 -5.22 23.93
C CYS B 129 -6.01 -5.44 25.16
N SER B 130 -4.83 -4.87 25.21
CA SER B 130 -3.88 -5.00 26.31
C SER B 130 -4.48 -4.69 27.67
C1 NAG C . 9.01 2.34 -3.12
C2 NAG C . 7.63 2.95 -3.09
C3 NAG C . 7.23 3.67 -4.34
C4 NAG C . 8.37 4.57 -4.86
C5 NAG C . 9.73 3.82 -4.82
C6 NAG C . 10.85 4.75 -5.23
C7 NAG C . 5.94 1.99 -1.55
C8 NAG C . 6.06 3.34 -0.94
N2 NAG C . 6.59 1.94 -2.75
O3 NAG C . 6.09 4.49 -4.05
O4 NAG C . 8.14 4.89 -6.24
O5 NAG C . 9.96 3.35 -3.50
O6 NAG C . 11.67 4.24 -6.22
O7 NAG C . 5.42 1.06 -1.13
C1 NAG C . 7.80 6.29 -6.37
C2 NAG C . 8.01 6.70 -7.82
C3 NAG C . 7.61 8.14 -8.04
C4 NAG C . 6.14 8.30 -7.59
C5 NAG C . 5.98 7.83 -6.12
C6 NAG C . 4.58 8.13 -5.63
C7 NAG C . 9.78 5.35 -8.91
C8 NAG C . 11.25 5.23 -9.08
N2 NAG C . 9.39 6.51 -8.29
O3 NAG C . 7.75 8.45 -9.43
O4 NAG C . 5.75 9.70 -7.62
O5 NAG C . 6.41 6.50 -6.03
O6 NAG C . 3.58 7.47 -6.32
O7 NAG C . 9.01 4.58 -9.24
CA CA D . 24.37 8.73 13.98
#